data_6QCU
#
_entry.id   6QCU
#
_cell.length_a   91.095
_cell.length_b   91.095
_cell.length_c   215.434
_cell.angle_alpha   90.00
_cell.angle_beta   90.00
_cell.angle_gamma   120.00
#
_symmetry.space_group_name_H-M   'P 65 2 2'
#
loop_
_entity.id
_entity.type
_entity.pdbx_description
1 polymer 'Light chain'
2 polymer 'Heavy chain'
3 non-polymer 'SULFATE ION'
4 water water
#
loop_
_entity_poly.entity_id
_entity_poly.type
_entity_poly.pdbx_seq_one_letter_code
_entity_poly.pdbx_strand_id
1 'polypeptide(L)'
;EIVLTQSPATLSLSPGERATLSCRASQSVSTYLAWYQHQPGQAPRLLIYEASNRATGIPARFSGSGSGTEFTLTISSLEP
EDVAVYYCQQRASWPLTFGGGTKVEIKRTVAAPSVFIFPPSDEQLKSGTASVVCLLNNFYPREAKVQWKVDNALQSGNSQ
ESVTEQDSKDSTYSLSSTLTLSKADYEKHKVYACEVTHQGLSSPVTKSFNRGEC
;
L
2 'polypeptide(L)'
;EVQLLESGGGLVQPGGSLRLSCEASGFPLRDYAMSWVRQAPGRGLQWVSTIGGNDNAANYADSVKGRFTVSRDNSKSTIY
LQMNSLRAEDTALYFCAKSVRLSRPSPFDLWGQGSLVTVSSASTKGPSVFPLAPSSKSTSGGTAALGCLVKDYFPEPVTV
SWNSGALTSGVHTFPAVLQSSGLYSLSSVVTVPSSSLGTQTYICNVNHKPSNTKVDKRVEPKSC
;
H
#
# COMPACT_ATOMS: atom_id res chain seq x y z
N GLU A 1 13.72 19.71 -17.90
CA GLU A 1 12.98 19.79 -16.62
C GLU A 1 13.92 20.20 -15.48
N ILE A 2 13.33 20.71 -14.40
CA ILE A 2 14.07 20.99 -13.19
C ILE A 2 14.09 19.71 -12.35
N VAL A 3 15.27 19.14 -12.16
CA VAL A 3 15.42 17.87 -11.46
C VAL A 3 15.57 18.14 -9.97
N LEU A 4 14.77 17.46 -9.15
CA LEU A 4 14.84 17.54 -7.69
C LEU A 4 15.44 16.25 -7.15
N THR A 5 16.52 16.38 -6.37
CA THR A 5 17.24 15.25 -5.80
C THR A 5 17.11 15.30 -4.28
N GLN A 6 16.54 14.27 -3.72
CA GLN A 6 16.35 14.16 -2.28
C GLN A 6 17.41 13.27 -1.65
N SER A 7 17.82 13.62 -0.44
CA SER A 7 18.70 12.78 0.36
C SER A 7 18.37 12.96 1.83
N PRO A 8 18.66 11.93 2.66
CA PRO A 8 19.09 10.58 2.25
C PRO A 8 17.89 9.91 1.59
N ALA A 9 18.09 8.76 0.92
CA ALA A 9 16.95 8.04 0.34
C ALA A 9 16.11 7.36 1.41
N THR A 10 16.74 6.96 2.51
CA THR A 10 16.08 6.33 3.64
C THR A 10 16.67 6.92 4.92
N LEU A 11 15.84 7.00 5.96
CA LEU A 11 16.21 7.56 7.26
C LEU A 11 15.48 6.79 8.33
N SER A 12 16.22 6.25 9.29
CA SER A 12 15.65 5.44 10.38
C SER A 12 16.08 6.08 11.69
N LEU A 13 15.09 6.58 12.44
CA LEU A 13 15.33 7.28 13.70
C LEU A 13 14.21 6.98 14.68
N SER A 14 14.51 7.09 15.98
CA SER A 14 13.54 6.75 17.01
C SER A 14 12.57 7.88 17.32
N PRO A 15 11.39 7.57 17.88
CA PRO A 15 10.49 8.65 18.31
C PRO A 15 11.20 9.61 19.23
N GLY A 16 10.92 10.89 19.06
CA GLY A 16 11.56 11.93 19.85
C GLY A 16 12.80 12.53 19.22
N GLU A 17 13.35 11.87 18.22
CA GLU A 17 14.54 12.41 17.55
C GLU A 17 14.14 13.42 16.49
N ARG A 18 15.10 14.31 16.19
CA ARG A 18 14.99 15.32 15.15
C ARG A 18 15.41 14.68 13.81
N ALA A 19 14.61 14.92 12.78
CA ALA A 19 14.84 14.43 11.43
C ALA A 19 14.98 15.61 10.48
N THR A 20 16.04 15.59 9.66
CA THR A 20 16.37 16.63 8.68
C THR A 20 16.43 15.98 7.30
N LEU A 21 15.54 16.41 6.39
CA LEU A 21 15.43 15.85 5.04
C LEU A 21 15.81 16.91 4.01
N SER A 22 16.60 16.54 3.01
CA SER A 22 17.12 17.52 2.06
CA SER A 22 17.16 17.49 2.05
C SER A 22 16.55 17.32 0.66
N CYS A 23 16.41 18.45 -0.06
CA CYS A 23 15.96 18.52 -1.44
C CYS A 23 16.85 19.53 -2.15
N ARG A 24 17.47 19.09 -3.25
CA ARG A 24 18.33 19.94 -4.06
C ARG A 24 17.77 20.05 -5.47
N ALA A 25 17.73 21.27 -6.00
CA ALA A 25 17.23 21.49 -7.35
C ALA A 25 18.35 21.76 -8.35
N SER A 26 18.16 21.31 -9.60
CA SER A 26 19.20 21.45 -10.60
C SER A 26 19.40 22.89 -11.08
N GLN A 27 18.41 23.75 -10.88
CA GLN A 27 18.50 25.18 -11.12
C GLN A 27 17.52 25.83 -10.16
N SER A 28 17.66 27.14 -10.01
CA SER A 28 16.90 27.80 -8.96
C SER A 28 15.40 27.68 -9.18
N VAL A 29 14.68 27.40 -8.09
CA VAL A 29 13.22 27.44 -8.08
C VAL A 29 12.72 28.55 -7.16
N SER A 30 13.58 29.50 -6.78
CA SER A 30 13.22 30.57 -5.86
C SER A 30 12.65 29.95 -4.61
N THR A 31 11.44 30.33 -4.18
CA THR A 31 10.80 29.62 -3.06
C THR A 31 9.58 28.82 -3.50
N TYR A 32 9.49 28.50 -4.79
CA TYR A 32 8.37 27.76 -5.37
C TYR A 32 8.50 26.25 -5.16
N LEU A 33 8.47 25.84 -3.89
CA LEU A 33 8.82 24.48 -3.45
C LEU A 33 7.90 24.03 -2.33
N ALA A 34 7.25 22.89 -2.52
CA ALA A 34 6.35 22.36 -1.51
C ALA A 34 6.80 20.97 -1.09
N TRP A 35 6.32 20.55 0.09
CA TRP A 35 6.60 19.23 0.64
C TRP A 35 5.31 18.47 0.94
N TYR A 36 5.30 17.16 0.60
CA TYR A 36 4.15 16.26 0.80
C TYR A 36 4.60 15.04 1.61
N GLN A 37 3.68 14.56 2.45
CA GLN A 37 3.78 13.30 3.17
C GLN A 37 2.94 12.25 2.46
N HIS A 38 3.47 11.04 2.28
CA HIS A 38 2.64 9.98 1.74
C HIS A 38 2.77 8.75 2.62
N GLN A 39 1.77 8.50 3.42
CA GLN A 39 1.67 7.36 4.32
C GLN A 39 1.04 6.19 3.58
N PRO A 40 1.43 4.98 3.89
CA PRO A 40 1.11 3.85 3.00
C PRO A 40 -0.37 3.75 2.59
N GLY A 41 -0.63 3.91 1.31
CA GLY A 41 -1.97 3.70 0.82
C GLY A 41 -2.99 4.74 1.24
N GLN A 42 -2.57 5.85 1.82
CA GLN A 42 -3.44 7.00 1.98
C GLN A 42 -3.08 8.07 0.96
N ALA A 43 -3.98 9.01 0.79
CA ALA A 43 -3.72 10.10 -0.13
C ALA A 43 -2.53 10.91 0.37
N PRO A 44 -1.69 11.43 -0.52
CA PRO A 44 -0.67 12.40 -0.11
C PRO A 44 -1.28 13.61 0.59
N ARG A 45 -0.46 14.25 1.43
CA ARG A 45 -0.86 15.37 2.29
C ARG A 45 0.16 16.50 2.17
N LEU A 46 -0.32 17.71 1.90
CA LEU A 46 0.53 18.88 1.89
C LEU A 46 0.99 19.23 3.30
N LEU A 47 2.30 19.42 3.45
CA LEU A 47 2.90 19.80 4.73
C LEU A 47 3.35 21.26 4.73
N ILE A 48 4.11 21.65 3.70
CA ILE A 48 4.81 22.93 3.62
C ILE A 48 4.67 23.46 2.18
N TYR A 49 4.47 24.76 2.05
CA TYR A 49 4.48 25.35 0.72
C TYR A 49 5.26 26.67 0.75
N GLU A 50 5.65 27.14 -0.44
CA GLU A 50 6.45 28.36 -0.58
C GLU A 50 7.71 28.26 0.28
N ALA A 51 8.26 27.05 0.30
CA ALA A 51 9.49 26.60 0.99
C ALA A 51 9.41 26.59 2.51
N SER A 52 8.65 27.50 3.12
CA SER A 52 8.69 27.66 4.56
C SER A 52 7.34 27.76 5.24
N ASN A 53 6.24 27.81 4.51
CA ASN A 53 4.93 28.09 5.08
C ASN A 53 4.27 26.77 5.47
N ARG A 54 3.89 26.62 6.75
CA ARG A 54 3.21 25.40 7.20
C ARG A 54 1.74 25.42 6.77
N ALA A 55 1.28 24.32 6.19
CA ALA A 55 -0.11 24.24 5.74
C ALA A 55 -1.05 24.14 6.92
N THR A 56 -2.29 24.57 6.69
CA THR A 56 -3.31 24.53 7.73
C THR A 56 -3.51 23.13 8.28
N GLY A 57 -3.60 23.03 9.59
CA GLY A 57 -3.88 21.75 10.22
C GLY A 57 -2.68 20.85 10.38
N ILE A 58 -1.50 21.24 9.90
CA ILE A 58 -0.28 20.44 10.05
C ILE A 58 0.38 20.70 11.41
N PRO A 59 0.84 19.65 12.10
CA PRO A 59 1.45 19.87 13.43
C PRO A 59 2.69 20.76 13.38
N ALA A 60 2.94 21.44 14.50
CA ALA A 60 4.01 22.41 14.58
C ALA A 60 5.39 21.77 14.51
N ARG A 61 5.50 20.47 14.73
CA ARG A 61 6.80 19.83 14.61
C ARG A 61 7.33 19.83 13.18
N PHE A 62 6.49 20.05 12.17
CA PHE A 62 6.94 20.11 10.79
C PHE A 62 7.32 21.55 10.41
N SER A 63 8.51 21.73 9.83
CA SER A 63 8.93 23.05 9.36
C SER A 63 9.75 22.88 8.08
N GLY A 64 9.80 23.94 7.28
CA GLY A 64 10.58 23.93 6.07
C GLY A 64 11.43 25.19 5.95
N SER A 65 12.58 25.03 5.31
CA SER A 65 13.47 26.15 5.08
C SER A 65 14.18 26.01 3.73
N GLY A 66 14.74 27.11 3.26
CA GLY A 66 15.58 27.12 2.09
C GLY A 66 15.06 28.00 0.97
N SER A 67 15.88 28.10 -0.07
CA SER A 67 15.57 28.91 -1.24
C SER A 67 16.59 28.59 -2.32
N GLY A 68 16.21 28.86 -3.57
CA GLY A 68 17.17 28.73 -4.66
C GLY A 68 17.29 27.29 -5.10
N THR A 69 18.39 26.63 -4.74
CA THR A 69 18.55 25.22 -5.05
C THR A 69 18.65 24.28 -3.85
N GLU A 70 18.52 24.75 -2.62
CA GLU A 70 18.70 23.91 -1.45
C GLU A 70 17.57 24.14 -0.45
N PHE A 71 16.91 23.05 -0.06
CA PHE A 71 15.75 23.07 0.80
C PHE A 71 15.82 21.96 1.83
N THR A 72 15.17 22.20 2.97
CA THR A 72 15.09 21.21 4.03
C THR A 72 13.69 21.13 4.65
N LEU A 73 13.25 19.91 4.90
CA LEU A 73 12.07 19.61 5.72
C LEU A 73 12.57 19.08 7.05
N THR A 74 12.10 19.67 8.14
CA THR A 74 12.49 19.23 9.49
C THR A 74 11.28 18.70 10.22
N ILE A 75 11.44 17.56 10.90
CA ILE A 75 10.47 17.04 11.88
C ILE A 75 11.18 17.14 13.22
N SER A 76 10.76 18.07 14.09
CA SER A 76 11.59 18.41 15.25
C SER A 76 11.63 17.29 16.29
N SER A 77 10.60 16.46 16.35
CA SER A 77 10.49 15.39 17.33
C SER A 77 9.57 14.35 16.72
N LEU A 78 10.16 13.26 16.23
CA LEU A 78 9.40 12.28 15.49
C LEU A 78 8.35 11.57 16.35
N GLU A 79 7.20 11.28 15.73
CA GLU A 79 6.16 10.45 16.31
C GLU A 79 5.95 9.22 15.44
N PRO A 80 5.45 8.13 16.03
CA PRO A 80 5.22 6.92 15.25
C PRO A 80 4.37 7.16 14.00
N GLU A 81 3.38 8.06 14.06
CA GLU A 81 2.53 8.31 12.89
C GLU A 81 3.26 8.99 11.75
N ASP A 82 4.52 9.39 11.92
CA ASP A 82 5.28 10.08 10.89
C ASP A 82 5.92 9.11 9.91
N VAL A 83 5.76 7.81 10.11
CA VAL A 83 6.24 6.85 9.12
C VAL A 83 5.58 7.14 7.78
N ALA A 84 6.40 7.34 6.75
CA ALA A 84 5.88 7.82 5.46
C ALA A 84 7.05 7.99 4.50
N VAL A 85 6.73 8.19 3.21
CA VAL A 85 7.68 8.74 2.24
C VAL A 85 7.35 10.22 2.08
N TYR A 86 8.38 11.07 2.10
CA TYR A 86 8.23 12.52 1.99
C TYR A 86 8.80 13.00 0.68
N TYR A 87 8.05 13.84 -0.03
CA TYR A 87 8.44 14.32 -1.35
C TYR A 87 8.48 15.84 -1.41
N CYS A 88 9.47 16.38 -2.08
CA CYS A 88 9.46 17.78 -2.49
C CYS A 88 8.95 17.89 -3.94
N GLN A 89 8.53 19.11 -4.29
CA GLN A 89 7.88 19.39 -5.57
C GLN A 89 8.02 20.87 -5.90
N GLN A 90 8.41 21.17 -7.15
CA GLN A 90 8.59 22.55 -7.59
C GLN A 90 7.50 22.97 -8.55
N ARG A 91 7.17 24.27 -8.52
CA ARG A 91 6.19 24.89 -9.42
C ARG A 91 6.79 26.11 -10.11
N ALA A 92 8.13 26.20 -10.17
CA ALA A 92 8.79 27.31 -10.87
C ALA A 92 8.65 27.19 -12.37
N SER A 93 8.61 25.96 -12.89
CA SER A 93 8.58 25.72 -14.32
C SER A 93 7.76 24.47 -14.65
N TRP A 94 7.12 24.47 -15.82
CA TRP A 94 6.58 23.24 -16.39
C TRP A 94 7.74 22.45 -17.03
N PRO A 95 7.74 21.10 -16.95
CA PRO A 95 6.79 20.24 -16.23
C PRO A 95 6.93 20.38 -14.75
N LEU A 96 5.82 20.26 -14.02
CA LEU A 96 5.94 20.16 -12.57
C LEU A 96 6.70 18.88 -12.23
N THR A 97 7.65 18.97 -11.29
CA THR A 97 8.44 17.81 -10.92
C THR A 97 8.47 17.60 -9.41
N PHE A 98 8.71 16.34 -9.05
CA PHE A 98 8.86 15.86 -7.68
C PHE A 98 10.25 15.27 -7.52
N GLY A 99 10.77 15.35 -6.29
CA GLY A 99 11.94 14.55 -5.97
C GLY A 99 11.57 13.09 -5.82
N GLY A 100 12.60 12.26 -5.62
CA GLY A 100 12.41 10.83 -5.59
C GLY A 100 11.94 10.27 -4.28
N GLY A 101 11.85 11.12 -3.26
CA GLY A 101 11.33 10.75 -1.96
C GLY A 101 12.42 10.37 -0.98
N THR A 102 12.14 10.62 0.29
CA THR A 102 12.90 10.07 1.42
C THR A 102 11.94 9.23 2.24
N LYS A 103 12.27 7.95 2.42
CA LYS A 103 11.47 7.03 3.20
C LYS A 103 11.90 7.10 4.67
N VAL A 104 10.99 7.53 5.55
CA VAL A 104 11.32 7.67 6.98
C VAL A 104 10.77 6.44 7.70
N GLU A 105 11.68 5.70 8.35
CA GLU A 105 11.34 4.54 9.17
C GLU A 105 11.51 4.90 10.65
N ILE A 106 10.58 4.42 11.48
CA ILE A 106 10.57 4.71 12.91
C ILE A 106 11.27 3.57 13.64
N LYS A 107 12.38 3.89 14.32
CA LYS A 107 13.24 2.87 14.95
C LYS A 107 12.85 2.66 16.40
N ARG A 108 11.91 1.74 16.62
CA ARG A 108 11.43 1.41 17.95
C ARG A 108 12.32 0.36 18.59
N THR A 109 11.97 -0.03 19.82
CA THR A 109 12.74 -1.03 20.57
C THR A 109 12.38 -2.44 20.09
N VAL A 110 13.29 -3.39 20.37
CA VAL A 110 13.15 -4.73 19.84
C VAL A 110 11.90 -5.40 20.40
N ALA A 111 11.14 -6.03 19.50
CA ALA A 111 9.94 -6.80 19.83
C ALA A 111 10.01 -8.13 19.08
N ALA A 112 9.93 -9.26 19.80
CA ALA A 112 9.99 -10.57 19.17
C ALA A 112 8.66 -10.89 18.49
N PRO A 113 8.68 -11.65 17.39
CA PRO A 113 7.40 -12.05 16.76
C PRO A 113 6.62 -13.09 17.56
N SER A 114 5.28 -12.98 17.44
CA SER A 114 4.36 -14.03 17.85
C SER A 114 4.12 -14.89 16.62
N VAL A 115 4.44 -16.19 16.70
CA VAL A 115 4.46 -17.06 15.51
C VAL A 115 3.28 -18.03 15.53
N PHE A 116 2.61 -18.15 14.38
CA PHE A 116 1.46 -19.02 14.19
C PHE A 116 1.60 -19.78 12.87
N ILE A 117 1.11 -21.01 12.84
CA ILE A 117 1.18 -21.81 11.63
C ILE A 117 -0.22 -22.31 11.28
N PHE A 118 -0.54 -22.27 9.99
CA PHE A 118 -1.84 -22.68 9.50
C PHE A 118 -1.74 -23.80 8.47
N PRO A 119 -2.39 -24.94 8.70
CA PRO A 119 -2.51 -25.96 7.64
C PRO A 119 -3.37 -25.49 6.48
N PRO A 120 -3.27 -26.15 5.33
CA PRO A 120 -4.24 -25.89 4.26
C PRO A 120 -5.64 -26.31 4.70
N SER A 121 -6.64 -25.60 4.21
CA SER A 121 -8.03 -26.00 4.45
C SER A 121 -8.42 -27.19 3.59
N ASP A 122 -9.43 -27.96 4.06
CA ASP A 122 -9.93 -29.07 3.26
C ASP A 122 -10.52 -28.59 1.94
N GLU A 123 -11.15 -27.42 1.95
CA GLU A 123 -11.70 -26.86 0.72
C GLU A 123 -10.62 -26.68 -0.34
N GLN A 124 -9.47 -26.11 0.05
CA GLN A 124 -8.42 -25.88 -0.93
C GLN A 124 -7.90 -27.19 -1.50
N LEU A 125 -7.71 -28.21 -0.66
CA LEU A 125 -7.16 -29.48 -1.11
C LEU A 125 -7.99 -30.07 -2.22
N LYS A 126 -9.29 -29.78 -2.25
CA LYS A 126 -10.13 -30.24 -3.35
C LYS A 126 -9.58 -29.76 -4.70
N SER A 127 -8.98 -28.57 -4.70
CA SER A 127 -8.49 -27.93 -5.92
C SER A 127 -7.19 -28.52 -6.44
N GLY A 128 -6.52 -29.38 -5.66
CA GLY A 128 -5.26 -29.94 -6.07
C GLY A 128 -4.01 -29.24 -5.59
N THR A 129 -4.15 -28.15 -4.82
CA THR A 129 -3.01 -27.40 -4.31
C THR A 129 -3.17 -27.24 -2.81
N ALA A 130 -2.04 -27.14 -2.12
CA ALA A 130 -2.01 -26.94 -0.67
C ALA A 130 -1.13 -25.73 -0.36
N SER A 131 -1.71 -24.75 0.34
CA SER A 131 -0.97 -23.60 0.85
C SER A 131 -0.83 -23.73 2.36
N VAL A 132 0.41 -23.67 2.87
CA VAL A 132 0.70 -23.67 4.30
C VAL A 132 1.24 -22.28 4.64
N VAL A 133 0.70 -21.68 5.70
CA VAL A 133 1.02 -20.28 5.99
C VAL A 133 1.64 -20.20 7.38
N CYS A 134 2.76 -19.49 7.49
CA CYS A 134 3.40 -19.12 8.75
C CYS A 134 3.29 -17.61 8.93
N LEU A 135 2.76 -17.18 10.07
CA LEU A 135 2.59 -15.77 10.39
C LEU A 135 3.56 -15.38 11.51
N LEU A 136 4.33 -14.33 11.28
CA LEU A 136 5.12 -13.65 12.31
C LEU A 136 4.43 -12.34 12.62
N ASN A 137 3.88 -12.18 13.82
CA ASN A 137 3.02 -11.03 14.11
C ASN A 137 3.69 -10.03 15.04
N ASN A 138 3.66 -8.75 14.64
CA ASN A 138 3.95 -7.61 15.51
C ASN A 138 5.36 -7.64 16.11
N PHE A 139 6.36 -7.44 15.24
CA PHE A 139 7.76 -7.53 15.62
C PHE A 139 8.59 -6.38 15.04
N TYR A 140 9.82 -6.23 15.56
CA TYR A 140 10.74 -5.17 15.15
C TYR A 140 12.13 -5.63 15.58
N PRO A 141 13.16 -5.52 14.74
CA PRO A 141 13.21 -4.94 13.39
C PRO A 141 12.65 -5.88 12.35
N ARG A 142 12.67 -5.38 11.10
CA ARG A 142 12.02 -6.07 9.99
C ARG A 142 12.71 -7.37 9.62
N GLU A 143 14.02 -7.44 9.79
CA GLU A 143 14.79 -8.60 9.36
C GLU A 143 14.39 -9.83 10.15
N ALA A 144 14.04 -10.90 9.45
CA ALA A 144 13.67 -12.16 10.09
C ALA A 144 13.94 -13.30 9.12
N LYS A 145 14.44 -14.42 9.65
CA LYS A 145 14.70 -15.60 8.85
C LYS A 145 13.59 -16.62 9.12
N VAL A 146 12.91 -17.06 8.07
CA VAL A 146 11.85 -18.06 8.20
C VAL A 146 12.26 -19.26 7.36
N GLN A 147 12.31 -20.44 8.00
CA GLN A 147 12.70 -21.67 7.32
C GLN A 147 11.58 -22.70 7.43
N TRP A 148 11.24 -23.31 6.32
CA TRP A 148 10.23 -24.36 6.29
C TRP A 148 10.91 -25.72 6.29
N LYS A 149 10.40 -26.64 7.13
CA LYS A 149 10.84 -28.03 7.14
C LYS A 149 9.63 -28.94 6.97
N VAL A 150 9.75 -29.93 6.09
CA VAL A 150 8.71 -30.94 5.89
C VAL A 150 9.35 -32.29 6.20
N ASP A 151 8.83 -32.98 7.20
CA ASP A 151 9.46 -34.21 7.69
C ASP A 151 10.95 -33.98 7.93
N ASN A 152 11.27 -32.81 8.45
CA ASN A 152 12.61 -32.35 8.82
C ASN A 152 13.53 -32.10 7.63
N ALA A 153 12.99 -32.05 6.41
CA ALA A 153 13.76 -31.63 5.24
C ALA A 153 13.57 -30.13 4.98
N LEU A 154 14.67 -29.40 4.92
CA LEU A 154 14.58 -27.97 4.64
C LEU A 154 14.08 -27.74 3.21
N GLN A 155 13.10 -26.87 3.07
CA GLN A 155 12.51 -26.53 1.79
C GLN A 155 13.21 -25.31 1.17
N SER A 156 13.33 -25.33 -0.15
CA SER A 156 13.88 -24.20 -0.89
C SER A 156 13.08 -24.00 -2.17
N GLY A 157 12.79 -22.74 -2.47
CA GLY A 157 12.22 -22.36 -3.75
C GLY A 157 10.71 -22.46 -3.86
N ASN A 158 10.02 -22.91 -2.82
CA ASN A 158 8.58 -23.11 -2.91
C ASN A 158 7.81 -22.29 -1.88
N SER A 159 8.38 -21.16 -1.44
CA SER A 159 7.67 -20.26 -0.55
C SER A 159 7.85 -18.82 -0.99
N GLN A 160 6.88 -17.97 -0.57
CA GLN A 160 6.90 -16.53 -0.84
C GLN A 160 6.53 -15.79 0.42
N GLU A 161 7.20 -14.67 0.67
CA GLU A 161 6.94 -13.85 1.84
C GLU A 161 6.27 -12.54 1.46
N SER A 162 5.54 -11.99 2.42
CA SER A 162 4.96 -10.66 2.32
C SER A 162 5.10 -10.00 3.68
N VAL A 163 5.37 -8.70 3.69
CA VAL A 163 5.59 -7.95 4.92
C VAL A 163 4.72 -6.71 4.88
N THR A 164 4.03 -6.44 5.99
CA THR A 164 3.22 -5.24 6.07
C THR A 164 4.09 -3.98 6.17
N GLU A 165 3.47 -2.85 5.86
CA GLU A 165 4.09 -1.58 6.20
C GLU A 165 4.16 -1.43 7.71
N GLN A 166 5.10 -0.61 8.17
CA GLN A 166 5.22 -0.32 9.59
C GLN A 166 3.90 0.25 10.15
N ASP A 167 3.45 -0.29 11.27
CA ASP A 167 2.24 0.19 11.91
C ASP A 167 2.41 1.63 12.39
N SER A 168 1.39 2.46 12.14
CA SER A 168 1.47 3.88 12.44
C SER A 168 1.32 4.21 13.91
N LYS A 169 0.89 3.27 14.77
CA LYS A 169 0.83 3.56 16.20
C LYS A 169 1.96 2.90 16.99
N ASP A 170 2.29 1.61 16.71
CA ASP A 170 3.30 0.89 17.49
C ASP A 170 4.56 0.56 16.70
N SER A 171 4.61 0.88 15.41
CA SER A 171 5.84 0.83 14.63
C SER A 171 6.34 -0.59 14.41
N THR A 172 5.51 -1.61 14.63
CA THR A 172 5.93 -2.96 14.33
C THR A 172 5.56 -3.36 12.90
N TYR A 173 6.10 -4.51 12.49
CA TYR A 173 5.81 -5.21 11.25
C TYR A 173 5.11 -6.54 11.56
N SER A 174 4.41 -7.06 10.54
CA SER A 174 4.03 -8.47 10.51
C SER A 174 4.47 -9.05 9.16
N LEU A 175 4.66 -10.37 9.15
CA LEU A 175 5.21 -11.04 7.98
C LEU A 175 4.49 -12.35 7.77
N SER A 176 4.20 -12.69 6.51
CA SER A 176 3.70 -14.02 6.20
C SER A 176 4.66 -14.75 5.27
N SER A 177 4.80 -16.06 5.47
CA SER A 177 5.49 -16.94 4.54
C SER A 177 4.53 -18.05 4.14
N THR A 178 4.31 -18.22 2.84
CA THR A 178 3.34 -19.18 2.31
C THR A 178 4.12 -20.22 1.52
N LEU A 179 4.03 -21.48 1.96
CA LEU A 179 4.61 -22.64 1.28
C LEU A 179 3.53 -23.26 0.40
N THR A 180 3.84 -23.45 -0.88
CA THR A 180 2.87 -23.98 -1.84
C THR A 180 3.36 -25.32 -2.35
N LEU A 181 2.52 -26.34 -2.16
CA LEU A 181 2.79 -27.70 -2.62
C LEU A 181 1.61 -28.31 -3.34
N SER A 182 1.89 -29.33 -4.15
CA SER A 182 0.86 -30.21 -4.68
C SER A 182 0.08 -30.85 -3.53
N LYS A 183 -1.21 -31.12 -3.76
CA LYS A 183 -1.95 -31.95 -2.81
C LYS A 183 -1.26 -33.29 -2.62
N ALA A 184 -0.83 -33.92 -3.72
CA ALA A 184 -0.17 -35.21 -3.63
C ALA A 184 1.11 -35.12 -2.80
N ASP A 185 1.91 -34.07 -3.00
CA ASP A 185 3.11 -33.89 -2.19
C ASP A 185 2.74 -33.64 -0.73
N TYR A 186 1.73 -32.80 -0.48
CA TYR A 186 1.31 -32.54 0.90
C TYR A 186 0.88 -33.82 1.60
N GLU A 187 0.07 -34.65 0.93
CA GLU A 187 -0.43 -35.87 1.54
C GLU A 187 0.64 -36.94 1.72
N LYS A 188 1.82 -36.77 1.11
CA LYS A 188 2.90 -37.74 1.32
C LYS A 188 3.58 -37.56 2.68
N HIS A 189 3.63 -36.34 3.20
CA HIS A 189 4.44 -36.05 4.37
C HIS A 189 3.56 -35.75 5.58
N LYS A 190 4.18 -35.77 6.76
CA LYS A 190 3.45 -35.70 8.01
C LYS A 190 3.72 -34.41 8.78
N VAL A 191 4.97 -34.08 9.07
CA VAL A 191 5.31 -32.97 9.95
C VAL A 191 5.61 -31.73 9.12
N TYR A 192 4.93 -30.63 9.41
CA TYR A 192 5.12 -29.35 8.76
C TYR A 192 5.53 -28.32 9.82
N ALA A 193 6.66 -27.65 9.59
CA ALA A 193 7.26 -26.82 10.61
C ALA A 193 7.84 -25.54 10.02
N CYS A 194 7.59 -24.43 10.70
CA CYS A 194 8.13 -23.13 10.35
CA CYS A 194 8.20 -23.18 10.32
C CYS A 194 9.08 -22.73 11.48
N GLU A 195 10.36 -22.52 11.18
CA GLU A 195 11.37 -22.12 12.17
C GLU A 195 11.75 -20.66 11.95
N VAL A 196 11.70 -19.87 13.02
CA VAL A 196 11.84 -18.42 12.94
C VAL A 196 13.07 -17.97 13.73
N THR A 197 13.93 -17.20 13.08
CA THR A 197 15.09 -16.59 13.72
C THR A 197 14.93 -15.08 13.71
N HIS A 198 15.07 -14.45 14.88
CA HIS A 198 14.83 -13.01 14.98
C HIS A 198 15.64 -12.47 16.15
N GLN A 199 16.07 -11.21 16.02
CA GLN A 199 16.91 -10.58 17.03
C GLN A 199 16.25 -10.49 18.41
N GLY A 200 14.94 -10.52 18.46
CA GLY A 200 14.21 -10.46 19.72
C GLY A 200 14.07 -11.79 20.43
N LEU A 201 14.49 -12.86 19.78
CA LEU A 201 14.41 -14.21 20.30
C LEU A 201 15.81 -14.66 20.69
N SER A 202 15.96 -15.19 21.89
CA SER A 202 17.28 -15.62 22.32
C SER A 202 17.75 -16.86 21.55
N SER A 203 16.82 -17.65 21.05
CA SER A 203 17.07 -18.84 20.25
C SER A 203 15.92 -18.98 19.28
N PRO A 204 16.11 -19.65 18.15
CA PRO A 204 15.01 -19.77 17.17
C PRO A 204 13.81 -20.50 17.76
N VAL A 205 12.63 -20.14 17.25
CA VAL A 205 11.35 -20.70 17.69
C VAL A 205 10.75 -21.46 16.53
N THR A 206 10.19 -22.63 16.82
CA THR A 206 9.56 -23.45 15.79
C THR A 206 8.10 -23.68 16.12
N LYS A 207 7.23 -23.53 15.12
CA LYS A 207 5.82 -23.92 15.20
C LYS A 207 5.52 -25.01 14.18
N SER A 208 4.79 -26.04 14.60
CA SER A 208 4.62 -27.25 13.81
C SER A 208 3.19 -27.75 13.92
N PHE A 209 2.81 -28.56 12.93
CA PHE A 209 1.62 -29.42 13.01
C PHE A 209 1.91 -30.72 12.28
N ASN A 210 1.14 -31.74 12.64
CA ASN A 210 1.14 -33.00 11.91
C ASN A 210 -0.11 -33.08 11.03
N ARG A 211 0.08 -33.37 9.74
CA ARG A 211 -1.05 -33.47 8.84
C ARG A 211 -1.99 -34.55 9.36
N GLY A 212 -3.26 -34.17 9.52
CA GLY A 212 -4.24 -35.06 10.15
C GLY A 212 -4.84 -34.50 11.43
N VAL B 2 -14.36 18.47 2.75
CA VAL B 2 -14.06 18.50 1.33
C VAL B 2 -13.50 17.16 0.90
N GLN B 3 -13.88 16.72 -0.30
CA GLN B 3 -13.44 15.44 -0.82
C GLN B 3 -13.25 15.52 -2.32
N LEU B 4 -12.32 14.71 -2.82
CA LEU B 4 -12.19 14.36 -4.23
C LEU B 4 -12.46 12.87 -4.37
N LEU B 5 -13.50 12.53 -5.14
CA LEU B 5 -13.94 11.16 -5.35
C LEU B 5 -13.61 10.74 -6.78
N GLU B 6 -12.71 9.78 -6.89
CA GLU B 6 -12.28 9.29 -8.19
C GLU B 6 -12.99 8.01 -8.57
N SER B 7 -13.12 7.83 -9.90
CA SER B 7 -13.75 6.68 -10.53
C SER B 7 -13.10 6.41 -11.88
N GLY B 8 -13.26 5.17 -12.36
CA GLY B 8 -12.85 4.80 -13.69
C GLY B 8 -11.69 3.84 -13.78
N GLY B 9 -11.06 3.50 -12.66
CA GLY B 9 -9.87 2.67 -12.74
C GLY B 9 -10.20 1.24 -13.13
N GLY B 10 -9.16 0.47 -13.40
CA GLY B 10 -9.33 -0.94 -13.71
C GLY B 10 -8.37 -1.41 -14.79
N LEU B 11 -8.71 -2.58 -15.33
CA LEU B 11 -7.91 -3.21 -16.36
C LEU B 11 -8.24 -2.68 -17.74
N VAL B 12 -7.20 -2.42 -18.52
CA VAL B 12 -7.37 -2.00 -19.90
C VAL B 12 -6.29 -2.64 -20.78
N GLN B 13 -6.67 -3.03 -22.00
CA GLN B 13 -5.72 -3.63 -22.92
C GLN B 13 -4.68 -2.60 -23.36
N PRO B 14 -3.43 -3.03 -23.56
CA PRO B 14 -2.46 -2.17 -24.24
C PRO B 14 -3.03 -1.72 -25.58
N GLY B 15 -2.77 -0.46 -25.92
CA GLY B 15 -3.37 0.17 -27.06
C GLY B 15 -4.77 0.73 -26.84
N GLY B 16 -5.38 0.43 -25.68
CA GLY B 16 -6.75 0.83 -25.40
C GLY B 16 -6.84 2.23 -24.84
N SER B 17 -8.10 2.64 -24.62
CA SER B 17 -8.45 3.93 -24.04
C SER B 17 -9.20 3.72 -22.73
N LEU B 18 -9.10 4.69 -21.83
CA LEU B 18 -9.76 4.64 -20.53
C LEU B 18 -9.92 6.07 -20.04
N ARG B 19 -11.07 6.38 -19.43
CA ARG B 19 -11.30 7.71 -18.87
C ARG B 19 -11.43 7.65 -17.36
N LEU B 20 -10.64 8.49 -16.68
CA LEU B 20 -10.77 8.68 -15.25
C LEU B 20 -11.56 9.95 -14.97
N SER B 21 -12.30 9.94 -13.87
CA SER B 21 -13.01 11.12 -13.44
C SER B 21 -12.79 11.36 -11.95
N CYS B 22 -12.91 12.62 -11.57
CA CYS B 22 -12.69 13.07 -10.21
C CYS B 22 -13.78 14.08 -9.90
N GLU B 23 -14.61 13.76 -8.90
CA GLU B 23 -15.73 14.60 -8.55
C GLU B 23 -15.46 15.33 -7.23
N ALA B 24 -15.63 16.65 -7.25
CA ALA B 24 -15.42 17.49 -6.08
C ALA B 24 -16.68 17.56 -5.22
N SER B 25 -16.48 17.57 -3.92
CA SER B 25 -17.59 17.76 -2.99
C SER B 25 -17.09 18.66 -1.88
N GLY B 26 -17.92 19.60 -1.48
CA GLY B 26 -17.58 20.47 -0.39
C GLY B 26 -16.81 21.72 -0.77
N PHE B 27 -16.51 21.92 -2.05
CA PHE B 27 -15.88 23.16 -2.52
C PHE B 27 -16.25 23.37 -3.99
N PRO B 28 -16.23 24.64 -4.45
CA PRO B 28 -16.59 24.91 -5.86
C PRO B 28 -15.43 24.62 -6.79
N LEU B 29 -15.63 23.64 -7.67
CA LEU B 29 -14.58 23.22 -8.59
C LEU B 29 -14.10 24.37 -9.47
N ARG B 30 -15.02 25.25 -9.88
CA ARG B 30 -14.68 26.31 -10.83
C ARG B 30 -13.63 27.27 -10.28
N ASP B 31 -13.35 27.24 -8.97
CA ASP B 31 -12.48 28.22 -8.32
C ASP B 31 -11.02 27.78 -8.24
N TYR B 32 -10.68 26.59 -8.76
CA TYR B 32 -9.36 26.01 -8.56
C TYR B 32 -8.85 25.26 -9.80
N ALA B 33 -7.54 25.36 -10.02
CA ALA B 33 -6.84 24.51 -10.98
C ALA B 33 -6.80 23.09 -10.46
N MET B 34 -6.90 22.12 -11.37
CA MET B 34 -7.02 20.70 -11.01
C MET B 34 -6.01 19.90 -11.80
N SER B 35 -5.42 18.88 -11.17
CA SER B 35 -4.32 18.14 -11.79
C SER B 35 -4.46 16.63 -11.63
N TRP B 36 -3.70 15.90 -12.46
CA TRP B 36 -3.52 14.46 -12.35
C TRP B 36 -2.04 14.17 -12.09
N VAL B 37 -1.78 13.31 -11.10
CA VAL B 37 -0.45 12.90 -10.68
C VAL B 37 -0.51 11.39 -10.53
N ARG B 38 0.52 10.67 -10.99
CA ARG B 38 0.46 9.21 -10.94
C ARG B 38 1.69 8.62 -10.27
N GLN B 39 1.52 7.41 -9.74
CA GLN B 39 2.58 6.66 -9.06
C GLN B 39 2.60 5.25 -9.66
N ALA B 40 3.61 4.97 -10.47
CA ALA B 40 3.84 3.64 -10.99
C ALA B 40 4.34 2.72 -9.88
N PRO B 41 4.14 1.41 -10.04
CA PRO B 41 4.48 0.49 -8.94
C PRO B 41 5.96 0.59 -8.58
N GLY B 42 6.23 0.74 -7.29
CA GLY B 42 7.58 0.86 -6.78
C GLY B 42 8.28 2.16 -7.07
N ARG B 43 7.63 3.14 -7.69
CA ARG B 43 8.28 4.38 -8.05
C ARG B 43 7.60 5.54 -7.34
N GLY B 44 7.99 6.76 -7.69
CA GLY B 44 7.56 7.94 -7.00
C GLY B 44 6.37 8.60 -7.66
N LEU B 45 6.24 9.90 -7.41
CA LEU B 45 5.14 10.67 -7.96
C LEU B 45 5.54 11.37 -9.25
N GLN B 46 4.65 11.34 -10.24
CA GLN B 46 4.88 11.99 -11.53
C GLN B 46 3.67 12.85 -11.92
N TRP B 47 3.90 14.12 -12.21
CA TRP B 47 2.81 14.96 -12.71
C TRP B 47 2.47 14.57 -14.14
N VAL B 48 1.16 14.49 -14.43
CA VAL B 48 0.65 14.08 -15.74
C VAL B 48 0.05 15.27 -16.51
N SER B 49 -0.87 15.99 -15.89
CA SER B 49 -1.56 17.08 -16.56
C SER B 49 -2.19 18.02 -15.56
N THR B 50 -2.45 19.24 -16.01
CA THR B 50 -3.20 20.24 -15.26
C THR B 50 -4.21 20.94 -16.16
N ILE B 51 -5.40 21.21 -15.62
CA ILE B 51 -6.38 22.08 -16.28
C ILE B 51 -6.67 23.27 -15.37
N GLY B 52 -6.57 24.48 -15.92
CA GLY B 52 -7.03 25.68 -15.23
C GLY B 52 -8.54 25.90 -15.37
N GLY B 53 -8.96 27.16 -15.21
CA GLY B 53 -10.38 27.44 -15.06
C GLY B 53 -11.21 27.20 -16.31
N ASN B 54 -10.59 27.31 -17.48
CA ASN B 54 -11.25 27.06 -18.75
C ASN B 54 -10.68 25.81 -19.38
N ASP B 55 -11.51 25.12 -20.18
CA ASP B 55 -11.10 23.85 -20.79
C ASP B 55 -9.90 24.00 -21.69
N ASN B 56 -9.61 25.20 -22.17
CA ASN B 56 -8.50 25.38 -23.08
C ASN B 56 -7.20 25.69 -22.35
N ALA B 57 -7.20 25.71 -21.02
CA ALA B 57 -5.97 26.03 -20.27
C ALA B 57 -5.35 24.73 -19.73
N ALA B 58 -4.82 23.92 -20.64
CA ALA B 58 -4.30 22.59 -20.29
C ALA B 58 -2.78 22.48 -20.55
N ASN B 59 -2.11 21.81 -19.62
CA ASN B 59 -0.68 21.51 -19.71
C ASN B 59 -0.46 20.02 -19.47
N TYR B 60 0.56 19.48 -20.15
CA TYR B 60 0.79 18.03 -20.18
C TYR B 60 2.27 17.68 -20.01
N ALA B 61 2.51 16.52 -19.40
CA ALA B 61 3.82 15.90 -19.48
C ALA B 61 4.10 15.50 -20.93
N ASP B 62 5.36 15.68 -21.35
CA ASP B 62 5.73 15.40 -22.74
C ASP B 62 5.28 14.00 -23.18
N SER B 63 5.42 13.01 -22.30
CA SER B 63 5.16 11.63 -22.68
C SER B 63 3.68 11.29 -22.83
N VAL B 64 2.77 12.20 -22.49
CA VAL B 64 1.36 11.99 -22.72
C VAL B 64 0.75 12.97 -23.72
N LYS B 65 1.48 13.99 -24.17
CA LYS B 65 0.93 14.94 -25.13
C LYS B 65 0.51 14.20 -26.39
N GLY B 66 -0.68 14.51 -26.89
CA GLY B 66 -1.21 13.92 -28.08
C GLY B 66 -1.96 12.63 -27.86
N ARG B 67 -1.91 12.08 -26.65
CA ARG B 67 -2.47 10.80 -26.23
C ARG B 67 -3.52 10.94 -25.14
N PHE B 68 -3.31 11.89 -24.24
CA PHE B 68 -4.16 12.12 -23.08
C PHE B 68 -4.77 13.52 -23.22
N THR B 69 -6.02 13.69 -22.82
CA THR B 69 -6.62 15.02 -22.76
C THR B 69 -7.27 15.23 -21.41
N VAL B 70 -6.95 16.35 -20.75
CA VAL B 70 -7.55 16.71 -19.47
C VAL B 70 -8.64 17.73 -19.74
N SER B 71 -9.75 17.64 -19.01
CA SER B 71 -10.85 18.56 -19.22
C SER B 71 -11.68 18.66 -17.95
N ARG B 72 -12.65 19.59 -17.97
CA ARG B 72 -13.50 19.83 -16.81
C ARG B 72 -14.92 20.10 -17.24
N ASP B 73 -15.85 19.79 -16.33
CA ASP B 73 -17.25 20.15 -16.45
C ASP B 73 -17.64 20.77 -15.12
N ASN B 74 -17.55 22.10 -15.03
CA ASN B 74 -17.84 22.76 -13.76
C ASN B 74 -19.27 22.52 -13.32
N SER B 75 -20.21 22.40 -14.27
CA SER B 75 -21.61 22.17 -13.93
C SER B 75 -21.81 20.83 -13.20
N LYS B 76 -20.97 19.83 -13.46
CA LYS B 76 -21.04 18.54 -12.78
C LYS B 76 -19.96 18.40 -11.72
N SER B 77 -19.23 19.48 -11.42
CA SER B 77 -18.13 19.46 -10.44
C SER B 77 -17.16 18.30 -10.69
N THR B 78 -16.84 18.04 -11.97
CA THR B 78 -15.99 16.89 -12.29
C THR B 78 -14.87 17.26 -13.25
N ILE B 79 -13.70 16.65 -13.02
CA ILE B 79 -12.52 16.70 -13.88
C ILE B 79 -12.34 15.35 -14.52
N TYR B 80 -11.78 15.33 -15.74
CA TYR B 80 -11.64 14.09 -16.50
C TYR B 80 -10.22 13.97 -17.03
N LEU B 81 -9.76 12.72 -17.19
CA LEU B 81 -8.53 12.43 -17.92
C LEU B 81 -8.88 11.34 -18.92
N GLN B 82 -8.94 11.69 -20.20
CA GLN B 82 -9.25 10.73 -21.27
C GLN B 82 -7.93 10.26 -21.86
N MET B 83 -7.62 8.97 -21.67
CA MET B 83 -6.35 8.38 -22.09
C MET B 83 -6.55 7.49 -23.31
N ASN B 84 -5.53 7.48 -24.16
CA ASN B 84 -5.50 6.67 -25.37
C ASN B 84 -4.13 6.04 -25.54
N SER B 85 -4.09 5.00 -26.35
CA SER B 85 -2.84 4.33 -26.75
C SER B 85 -2.00 3.94 -25.54
N LEU B 86 -2.65 3.26 -24.60
CA LEU B 86 -1.99 2.97 -23.34
C LEU B 86 -0.95 1.86 -23.48
N ARG B 87 0.09 1.95 -22.66
CA ARG B 87 1.18 1.00 -22.66
C ARG B 87 1.46 0.59 -21.22
N ALA B 88 2.31 -0.43 -21.05
CA ALA B 88 2.63 -0.90 -19.71
C ALA B 88 3.21 0.19 -18.82
N GLU B 89 3.98 1.13 -19.40
CA GLU B 89 4.56 2.23 -18.64
C GLU B 89 3.50 3.13 -18.04
N ASP B 90 2.27 3.06 -18.54
CA ASP B 90 1.16 3.85 -18.01
C ASP B 90 0.45 3.18 -16.83
N THR B 91 0.78 1.94 -16.51
CA THR B 91 0.21 1.29 -15.32
C THR B 91 0.63 2.05 -14.07
N ALA B 92 -0.35 2.44 -13.25
CA ALA B 92 -0.04 3.33 -12.13
C ALA B 92 -1.30 3.60 -11.31
N LEU B 93 -1.08 4.05 -10.08
CA LEU B 93 -2.13 4.66 -9.26
C LEU B 93 -2.25 6.13 -9.66
N TYR B 94 -3.41 6.54 -10.18
CA TYR B 94 -3.63 7.89 -10.65
C TYR B 94 -4.38 8.69 -9.59
N PHE B 95 -3.81 9.81 -9.17
CA PHE B 95 -4.44 10.73 -8.23
C PHE B 95 -4.92 11.97 -8.98
N CYS B 96 -6.10 12.48 -8.62
CA CYS B 96 -6.43 13.87 -8.93
C CYS B 96 -6.06 14.75 -7.72
N ALA B 97 -5.74 16.01 -8.00
CA ALA B 97 -5.19 16.89 -6.99
C ALA B 97 -5.68 18.30 -7.27
N LYS B 98 -6.11 18.97 -6.22
CA LYS B 98 -6.64 20.32 -6.26
C LYS B 98 -5.57 21.32 -5.88
N SER B 99 -5.49 22.42 -6.62
CA SER B 99 -4.60 23.52 -6.26
C SER B 99 -5.23 24.40 -5.20
N VAL B 100 -4.36 25.14 -4.49
CA VAL B 100 -4.85 26.15 -3.57
C VAL B 100 -5.46 27.33 -4.32
N ARG B 101 -5.26 27.44 -5.63
CA ARG B 101 -5.81 28.59 -6.34
C ARG B 101 -6.11 28.24 -7.80
N LEU B 102 -6.67 29.23 -8.52
CA LEU B 102 -7.07 29.03 -9.92
C LEU B 102 -5.90 29.28 -10.88
N SER B 103 -5.06 30.26 -10.58
CA SER B 103 -4.10 30.83 -11.52
C SER B 103 -2.74 30.12 -11.53
N ARG B 104 -2.54 29.21 -10.60
CA ARG B 104 -1.31 28.45 -10.46
C ARG B 104 -1.70 27.02 -10.16
N PRO B 105 -0.89 26.04 -10.60
CA PRO B 105 -1.34 24.64 -10.51
C PRO B 105 -1.14 23.96 -9.16
N SER B 106 -0.29 24.49 -8.31
CA SER B 106 -0.02 23.93 -6.99
C SER B 106 0.35 25.08 -6.06
N PRO B 107 0.54 24.83 -4.76
CA PRO B 107 0.57 23.53 -4.08
C PRO B 107 -0.74 22.77 -4.14
N PHE B 108 -0.63 21.45 -4.04
CA PHE B 108 -1.77 20.55 -4.10
C PHE B 108 -2.31 20.32 -2.70
N ASP B 109 -3.39 21.00 -2.32
CA ASP B 109 -3.79 20.91 -0.93
C ASP B 109 -4.83 19.85 -0.64
N LEU B 110 -5.36 19.19 -1.66
CA LEU B 110 -6.29 18.07 -1.49
C LEU B 110 -6.05 17.07 -2.61
N TRP B 111 -5.99 15.80 -2.26
CA TRP B 111 -5.75 14.71 -3.19
C TRP B 111 -6.83 13.65 -3.06
N GLY B 112 -7.22 13.08 -4.21
CA GLY B 112 -8.09 11.92 -4.22
C GLY B 112 -7.37 10.68 -3.70
N GLN B 113 -8.14 9.61 -3.52
CA GLN B 113 -7.63 8.38 -2.93
C GLN B 113 -6.82 7.56 -3.91
N GLY B 114 -6.92 7.86 -5.19
CA GLY B 114 -6.18 7.11 -6.18
C GLY B 114 -7.04 6.07 -6.85
N SER B 115 -6.90 5.94 -8.16
CA SER B 115 -7.51 4.87 -8.94
C SER B 115 -6.42 4.11 -9.67
N LEU B 116 -6.40 2.78 -9.54
CA LEU B 116 -5.37 1.95 -10.14
C LEU B 116 -5.76 1.61 -11.57
N VAL B 117 -4.90 1.94 -12.52
CA VAL B 117 -5.05 1.60 -13.91
C VAL B 117 -3.99 0.56 -14.25
N THR B 118 -4.44 -0.62 -14.69
CA THR B 118 -3.56 -1.76 -15.02
C THR B 118 -3.63 -1.99 -16.52
N VAL B 119 -2.53 -1.75 -17.22
CA VAL B 119 -2.47 -1.91 -18.66
C VAL B 119 -1.88 -3.29 -18.93
N SER B 120 -2.75 -4.21 -19.35
CA SER B 120 -2.32 -5.59 -19.57
C SER B 120 -3.29 -6.34 -20.47
N SER B 121 -2.73 -7.32 -21.20
CA SER B 121 -3.49 -8.21 -22.05
C SER B 121 -4.01 -9.44 -21.33
N ALA B 122 -3.67 -9.61 -20.07
CA ALA B 122 -4.12 -10.77 -19.32
C ALA B 122 -5.59 -10.62 -18.93
N SER B 123 -6.27 -11.76 -18.79
CA SER B 123 -7.69 -11.76 -18.51
C SER B 123 -7.96 -11.55 -17.02
N THR B 124 -9.10 -10.93 -16.72
CA THR B 124 -9.60 -10.80 -15.36
C THR B 124 -9.87 -12.18 -14.76
N LYS B 125 -9.50 -12.35 -13.49
CA LYS B 125 -9.79 -13.57 -12.77
C LYS B 125 -10.09 -13.26 -11.31
N GLY B 126 -11.22 -13.76 -10.82
CA GLY B 126 -11.60 -13.55 -9.44
C GLY B 126 -10.92 -14.54 -8.51
N PRO B 127 -10.76 -14.16 -7.24
CA PRO B 127 -10.02 -15.03 -6.31
C PRO B 127 -10.89 -16.15 -5.74
N SER B 128 -10.21 -17.18 -5.24
CA SER B 128 -10.78 -18.19 -4.35
C SER B 128 -10.41 -17.79 -2.92
N VAL B 129 -11.34 -18.00 -1.99
CA VAL B 129 -11.12 -17.56 -0.60
C VAL B 129 -11.12 -18.78 0.30
N PHE B 130 -10.05 -18.96 1.07
CA PHE B 130 -9.93 -20.12 1.95
C PHE B 130 -9.70 -19.68 3.40
N PRO B 131 -10.24 -20.39 4.38
CA PRO B 131 -10.01 -20.01 5.78
C PRO B 131 -8.61 -20.36 6.28
N LEU B 132 -8.10 -19.51 7.15
CA LEU B 132 -6.91 -19.76 7.95
C LEU B 132 -7.46 -19.96 9.36
N ALA B 133 -7.72 -21.19 9.74
CA ALA B 133 -8.53 -21.48 10.92
C ALA B 133 -7.73 -21.33 12.21
N PRO B 134 -8.33 -20.78 13.26
CA PRO B 134 -7.62 -20.70 14.54
C PRO B 134 -7.47 -22.06 15.20
N SER B 135 -6.40 -22.20 15.98
CA SER B 135 -6.24 -23.38 16.83
C SER B 135 -7.15 -23.27 18.05
N SER B 136 -7.98 -24.29 18.27
CA SER B 136 -8.92 -24.32 19.40
C SER B 136 -8.80 -25.65 20.12
N LYS B 137 -7.68 -25.83 20.84
CA LYS B 137 -7.41 -27.07 21.55
C LYS B 137 -7.04 -26.77 23.00
N SER B 138 -7.15 -27.80 23.83
CA SER B 138 -6.71 -27.75 25.22
C SER B 138 -5.31 -27.10 25.37
N THR B 139 -4.51 -27.10 24.32
CA THR B 139 -3.09 -26.87 24.45
C THR B 139 -2.61 -25.60 23.79
N SER B 140 -3.50 -24.83 23.16
CA SER B 140 -3.12 -23.59 22.52
C SER B 140 -3.19 -22.41 23.49
N GLY B 141 -2.70 -21.26 23.05
CA GLY B 141 -2.56 -20.09 23.91
C GLY B 141 -3.80 -19.20 24.09
N GLY B 142 -3.62 -18.11 24.84
CA GLY B 142 -4.68 -17.19 25.16
C GLY B 142 -5.07 -16.23 24.07
N THR B 143 -4.22 -16.08 23.06
CA THR B 143 -4.52 -15.29 21.88
C THR B 143 -4.58 -16.21 20.68
N ALA B 144 -5.64 -16.08 19.89
CA ALA B 144 -5.80 -16.87 18.69
C ALA B 144 -5.58 -16.01 17.45
N ALA B 145 -4.96 -16.57 16.44
CA ALA B 145 -4.82 -15.96 15.14
C ALA B 145 -5.69 -16.69 14.14
N LEU B 146 -6.37 -15.93 13.28
CA LEU B 146 -7.15 -16.51 12.19
C LEU B 146 -7.09 -15.58 10.99
N GLY B 147 -7.56 -16.08 9.86
CA GLY B 147 -7.46 -15.26 8.67
C GLY B 147 -8.19 -15.86 7.49
N CYS B 148 -8.01 -15.19 6.36
CA CYS B 148 -8.49 -15.66 5.06
C CYS B 148 -7.35 -15.57 4.05
N LEU B 149 -7.21 -16.61 3.25
CA LEU B 149 -6.26 -16.66 2.15
C LEU B 149 -7.03 -16.35 0.86
N VAL B 150 -6.58 -15.33 0.14
CA VAL B 150 -7.25 -14.82 -1.06
C VAL B 150 -6.34 -15.11 -2.25
N LYS B 151 -6.61 -16.21 -2.96
CA LYS B 151 -5.66 -16.79 -3.90
C LYS B 151 -6.12 -16.69 -5.35
N ASP B 152 -5.16 -16.36 -6.23
CA ASP B 152 -5.29 -16.52 -7.67
C ASP B 152 -6.26 -15.55 -8.32
N TYR B 153 -5.91 -14.26 -8.32
CA TYR B 153 -6.75 -13.23 -8.91
C TYR B 153 -5.89 -12.29 -9.75
N PHE B 154 -6.55 -11.61 -10.69
CA PHE B 154 -5.94 -10.63 -11.57
C PHE B 154 -7.02 -9.68 -12.05
N PRO B 155 -6.78 -8.37 -12.12
CA PRO B 155 -5.61 -7.63 -11.65
C PRO B 155 -5.76 -7.28 -10.17
N GLU B 156 -4.82 -6.52 -9.63
CA GLU B 156 -5.10 -5.84 -8.38
C GLU B 156 -6.18 -4.79 -8.60
N PRO B 157 -6.85 -4.32 -7.55
CA PRO B 157 -6.70 -4.71 -6.14
C PRO B 157 -7.82 -5.58 -5.60
N VAL B 158 -7.56 -6.17 -4.45
CA VAL B 158 -8.55 -6.81 -3.59
C VAL B 158 -8.62 -6.00 -2.29
N THR B 159 -9.82 -5.84 -1.74
CA THR B 159 -9.99 -5.29 -0.41
C THR B 159 -10.60 -6.33 0.51
N VAL B 160 -10.21 -6.27 1.78
CA VAL B 160 -10.72 -7.19 2.80
C VAL B 160 -11.17 -6.40 4.02
N SER B 161 -12.32 -6.78 4.58
CA SER B 161 -12.79 -6.29 5.88
C SER B 161 -13.14 -7.51 6.74
N TRP B 162 -13.36 -7.28 8.02
CA TRP B 162 -13.78 -8.35 8.92
C TRP B 162 -15.08 -7.96 9.60
N ASN B 163 -16.05 -8.88 9.60
CA ASN B 163 -17.32 -8.64 10.28
C ASN B 163 -17.94 -7.35 9.77
N SER B 164 -17.88 -7.17 8.45
CA SER B 164 -18.49 -6.03 7.76
C SER B 164 -17.96 -4.71 8.26
N GLY B 165 -16.73 -4.70 8.78
CA GLY B 165 -16.12 -3.50 9.27
C GLY B 165 -16.19 -3.30 10.77
N ALA B 166 -16.88 -4.17 11.49
CA ALA B 166 -16.98 -4.03 12.94
C ALA B 166 -15.68 -4.41 13.63
N LEU B 167 -14.82 -5.18 12.97
CA LEU B 167 -13.57 -5.64 13.55
C LEU B 167 -12.42 -5.02 12.78
N THR B 168 -11.67 -4.14 13.44
CA THR B 168 -10.51 -3.49 12.82
C THR B 168 -9.24 -3.67 13.63
N SER B 169 -9.34 -3.72 14.96
CA SER B 169 -8.16 -3.79 15.79
C SER B 169 -7.47 -5.15 15.61
N GLY B 170 -6.18 -5.13 15.38
CA GLY B 170 -5.42 -6.36 15.25
C GLY B 170 -5.45 -6.96 13.88
N VAL B 171 -6.11 -6.33 12.92
CA VAL B 171 -6.17 -6.85 11.56
C VAL B 171 -4.92 -6.45 10.80
N HIS B 172 -4.36 -7.40 10.05
CA HIS B 172 -3.27 -7.12 9.11
C HIS B 172 -3.63 -7.75 7.76
N THR B 173 -3.80 -6.91 6.74
CA THR B 173 -3.98 -7.37 5.38
C THR B 173 -2.70 -7.17 4.61
N PHE B 174 -2.09 -8.29 4.18
CA PHE B 174 -0.76 -8.27 3.63
C PHE B 174 -0.76 -7.74 2.20
N PRO B 175 0.29 -7.03 1.78
CA PRO B 175 0.45 -6.74 0.35
C PRO B 175 0.40 -8.02 -0.46
N ALA B 176 -0.20 -7.94 -1.65
CA ALA B 176 -0.25 -9.11 -2.51
C ALA B 176 1.13 -9.47 -3.04
N VAL B 177 1.31 -10.76 -3.33
CA VAL B 177 2.51 -11.25 -4.01
C VAL B 177 2.10 -11.75 -5.38
N LEU B 178 2.95 -11.51 -6.36
CA LEU B 178 2.76 -12.06 -7.69
C LEU B 178 3.35 -13.46 -7.75
N GLN B 179 2.53 -14.43 -8.08
CA GLN B 179 2.95 -15.81 -8.17
C GLN B 179 3.54 -16.11 -9.55
N SER B 180 4.24 -17.25 -9.64
CA SER B 180 4.83 -17.69 -10.89
C SER B 180 3.77 -17.81 -11.98
N SER B 181 2.52 -18.07 -11.59
CA SER B 181 1.44 -18.25 -12.54
C SER B 181 1.00 -16.96 -13.20
N GLY B 182 1.46 -15.81 -12.74
CA GLY B 182 0.95 -14.53 -13.21
C GLY B 182 -0.25 -14.02 -12.45
N LEU B 183 -0.75 -14.77 -11.48
CA LEU B 183 -1.85 -14.33 -10.64
C LEU B 183 -1.37 -13.90 -9.26
N TYR B 184 -2.14 -13.01 -8.63
CA TYR B 184 -1.84 -12.48 -7.31
C TYR B 184 -2.48 -13.33 -6.20
N SER B 185 -1.88 -13.24 -5.01
CA SER B 185 -2.39 -13.91 -3.82
CA SER B 185 -2.43 -13.89 -3.83
C SER B 185 -2.05 -13.04 -2.63
N LEU B 186 -2.96 -12.98 -1.65
CA LEU B 186 -2.65 -12.33 -0.38
C LEU B 186 -3.40 -13.04 0.75
N SER B 187 -3.03 -12.72 1.99
CA SER B 187 -3.79 -13.16 3.16
CA SER B 187 -3.82 -13.14 3.13
C SER B 187 -4.16 -11.95 4.01
N SER B 188 -5.27 -12.07 4.75
CA SER B 188 -5.65 -11.12 5.80
C SER B 188 -5.80 -11.92 7.09
N VAL B 189 -5.19 -11.44 8.17
CA VAL B 189 -5.20 -12.11 9.46
C VAL B 189 -5.68 -11.14 10.53
N VAL B 190 -6.07 -11.70 11.69
CA VAL B 190 -6.47 -10.92 12.85
C VAL B 190 -6.19 -11.78 14.08
N THR B 191 -5.77 -11.14 15.17
CA THR B 191 -5.64 -11.82 16.45
C THR B 191 -6.79 -11.43 17.37
N VAL B 192 -7.31 -12.42 18.10
CA VAL B 192 -8.48 -12.24 18.96
C VAL B 192 -8.30 -13.06 20.24
N PRO B 193 -9.10 -12.82 21.29
CA PRO B 193 -8.98 -13.65 22.51
C PRO B 193 -9.50 -15.04 22.24
N SER B 194 -8.72 -16.04 22.70
CA SER B 194 -9.12 -17.43 22.55
C SER B 194 -10.47 -17.69 23.20
N SER B 195 -10.77 -16.99 24.28
CA SER B 195 -12.05 -17.16 24.94
C SER B 195 -13.21 -16.74 24.06
N SER B 196 -12.94 -16.00 22.97
CA SER B 196 -14.03 -15.51 22.14
C SER B 196 -14.42 -16.49 21.05
N LEU B 197 -13.60 -17.52 20.81
CA LEU B 197 -13.78 -18.35 19.62
C LEU B 197 -15.10 -19.10 19.62
N GLY B 198 -15.58 -19.54 20.79
CA GLY B 198 -16.85 -20.25 20.82
C GLY B 198 -18.06 -19.35 20.84
N THR B 199 -17.83 -18.07 21.09
CA THR B 199 -18.86 -17.06 21.33
C THR B 199 -19.10 -16.12 20.18
N GLN B 200 -18.08 -15.85 19.38
CA GLN B 200 -18.05 -14.72 18.45
C GLN B 200 -17.78 -15.26 17.06
N THR B 201 -18.61 -14.85 16.11
CA THR B 201 -18.44 -15.24 14.73
C THR B 201 -17.42 -14.32 14.07
N TYR B 202 -16.53 -14.90 13.27
CA TYR B 202 -15.55 -14.15 12.50
C TYR B 202 -15.75 -14.43 11.02
N ILE B 203 -15.98 -13.37 10.25
CA ILE B 203 -16.27 -13.45 8.82
C ILE B 203 -15.41 -12.44 8.09
N CYS B 204 -14.67 -12.89 7.10
CA CYS B 204 -13.90 -11.99 6.27
C CYS B 204 -14.71 -11.63 5.03
N ASN B 205 -14.73 -10.34 4.69
CA ASN B 205 -15.50 -9.82 3.57
C ASN B 205 -14.51 -9.46 2.47
N VAL B 206 -14.54 -10.18 1.35
CA VAL B 206 -13.53 -10.04 0.30
C VAL B 206 -14.19 -9.47 -0.95
N ASN B 207 -13.65 -8.37 -1.48
CA ASN B 207 -14.19 -7.77 -2.68
C ASN B 207 -13.11 -7.62 -3.74
N HIS B 208 -13.42 -8.07 -4.95
CA HIS B 208 -12.51 -7.93 -6.09
C HIS B 208 -13.33 -7.31 -7.21
N LYS B 209 -13.28 -5.99 -7.34
CA LYS B 209 -14.25 -5.34 -8.23
C LYS B 209 -14.05 -5.65 -9.71
N PRO B 210 -12.82 -5.78 -10.21
CA PRO B 210 -12.66 -6.16 -11.63
C PRO B 210 -13.45 -7.40 -12.03
N SER B 211 -13.69 -8.33 -11.10
CA SER B 211 -14.45 -9.54 -11.40
C SER B 211 -15.84 -9.58 -10.78
N ASN B 212 -16.30 -8.49 -10.17
CA ASN B 212 -17.59 -8.43 -9.48
C ASN B 212 -17.72 -9.58 -8.47
N THR B 213 -16.61 -9.93 -7.86
CA THR B 213 -16.54 -10.93 -6.82
C THR B 213 -16.73 -10.27 -5.46
N LYS B 214 -17.72 -10.73 -4.70
CA LYS B 214 -17.89 -10.36 -3.30
C LYS B 214 -18.10 -11.66 -2.54
N VAL B 215 -17.24 -11.91 -1.55
CA VAL B 215 -17.25 -13.16 -0.83
C VAL B 215 -17.23 -12.88 0.66
N ASP B 216 -18.15 -13.48 1.40
CA ASP B 216 -18.11 -13.53 2.86
C ASP B 216 -17.78 -14.96 3.28
N LYS B 217 -16.68 -15.14 4.00
CA LYS B 217 -16.22 -16.47 4.37
C LYS B 217 -16.16 -16.54 5.89
N ARG B 218 -16.87 -17.51 6.46
CA ARG B 218 -16.83 -17.72 7.91
C ARG B 218 -15.60 -18.57 8.26
N VAL B 219 -14.87 -18.12 9.28
CA VAL B 219 -13.62 -18.74 9.72
C VAL B 219 -13.86 -19.24 11.12
N GLU B 220 -13.82 -20.56 11.30
CA GLU B 220 -14.14 -21.21 12.56
C GLU B 220 -13.04 -22.20 12.92
N PRO B 221 -12.87 -22.51 14.20
CA PRO B 221 -11.91 -23.54 14.59
C PRO B 221 -12.28 -24.91 14.01
N LYS B 222 -11.34 -25.85 14.11
CA LYS B 222 -11.49 -27.20 13.58
C LYS B 222 -11.41 -27.19 12.06
#